data_3DCU
#
_entry.id   3DCU
#
_cell.length_a   158.625
_cell.length_b   158.625
_cell.length_c   158.625
_cell.angle_alpha   90.000
_cell.angle_beta   90.000
_cell.angle_gamma   90.000
#
_symmetry.space_group_name_H-M   'F 2 3'
#
loop_
_entity.id
_entity.type
_entity.pdbx_description
1 polymer 'Bile acid receptor'
2 polymer 'Nuclear receptor coactivator 1'
3 non-polymer '6-(4-{[3-(2,6-dichlorophenyl)-5-(1-methylethyl)isoxazol-4-yl]methoxy}phenyl)naphthalene-1-carboxylic acid'
4 water water
#
loop_
_entity_poly.entity_id
_entity_poly.type
_entity_poly.pdbx_seq_one_letter_code
_entity_poly.pdbx_strand_id
1 'polypeptide(L)'
;SCREKTELTPDQQTLLHFIMDSYNKQRMPQEITNKILKEEFSAEENFLILTEMATNHVQVLVEFTKKLPGFQTLDHEDQI
ALLKGSAVEAMFLRSAEIFNKKLPSGHSDLLEERIRNSGISDEYITPMFSFYKSIGELKMTQEEYALLTAIVILSPDRQY
IKDREAVEKLQEPLLDVLQKLCKIHQPENPQHFACLLGRLTELRTFNHHHAEMLMSWRVNDHKFTPLLCEIWDVQ
;
A
2 'polypeptide(L)' KESKDHQLLRYLLDKDEKDLR B
#
# COMPACT_ATOMS: atom_id res chain seq x y z
N GLU A 7 -24.03 15.47 -1.01
CA GLU A 7 -23.58 15.82 -2.39
C GLU A 7 -22.11 16.23 -2.35
N LEU A 8 -21.37 15.84 -3.38
CA LEU A 8 -19.95 16.16 -3.47
C LEU A 8 -19.72 17.46 -4.26
N THR A 9 -18.85 18.31 -3.72
CA THR A 9 -18.54 19.58 -4.36
C THR A 9 -17.71 19.39 -5.64
N PRO A 10 -17.61 20.43 -6.48
CA PRO A 10 -16.86 20.49 -7.72
C PRO A 10 -15.36 20.46 -7.46
N ASP A 11 -15.02 21.21 -6.42
CA ASP A 11 -13.66 21.37 -5.99
C ASP A 11 -13.19 20.07 -5.38
N GLN A 12 -14.13 19.21 -5.01
CA GLN A 12 -13.80 17.92 -4.43
C GLN A 12 -13.84 16.85 -5.52
N GLN A 13 -14.90 16.88 -6.33
CA GLN A 13 -15.07 15.91 -7.41
C GLN A 13 -13.88 15.94 -8.37
N THR A 14 -13.11 17.01 -8.32
CA THR A 14 -11.94 17.17 -9.18
C THR A 14 -10.74 16.49 -8.54
N LEU A 15 -10.72 16.50 -7.21
CA LEU A 15 -9.66 15.85 -6.45
C LEU A 15 -9.79 14.35 -6.70
N LEU A 16 -10.92 13.80 -6.28
CA LEU A 16 -11.22 12.38 -6.43
C LEU A 16 -10.97 11.86 -7.84
N HIS A 17 -11.11 12.73 -8.83
CA HIS A 17 -10.89 12.30 -10.18
C HIS A 17 -9.41 12.24 -10.50
N PHE A 18 -8.67 13.28 -10.15
CA PHE A 18 -7.24 13.22 -10.34
C PHE A 18 -6.61 12.04 -9.61
N ILE A 19 -7.09 11.83 -8.37
CA ILE A 19 -6.60 10.70 -7.58
C ILE A 19 -7.01 9.36 -8.21
N MET A 20 -8.32 9.23 -8.47
CA MET A 20 -8.81 8.02 -9.12
C MET A 20 -8.10 7.79 -10.45
N ASP A 21 -7.62 8.90 -11.04
CA ASP A 21 -6.88 8.80 -12.29
C ASP A 21 -5.55 8.08 -12.08
N SER A 22 -4.76 8.59 -11.12
CA SER A 22 -3.46 8.00 -10.84
C SER A 22 -3.58 6.52 -10.44
N TYR A 23 -4.67 6.21 -9.70
CA TYR A 23 -4.81 4.86 -9.15
C TYR A 23 -5.01 3.81 -10.25
N ASN A 24 -5.24 4.29 -11.48
CA ASN A 24 -5.44 3.36 -12.57
C ASN A 24 -4.43 3.56 -13.71
N LYS A 25 -3.64 4.65 -13.56
CA LYS A 25 -2.63 4.94 -14.57
C LYS A 25 -1.60 3.82 -14.65
N GLN A 26 -0.64 3.84 -13.69
CA GLN A 26 0.37 2.80 -13.66
C GLN A 26 -0.26 1.43 -13.35
N ARG A 27 0.55 0.38 -13.59
CA ARG A 27 0.09 -0.97 -13.29
C ARG A 27 1.23 -1.98 -13.37
N MET A 28 1.09 -3.08 -12.60
CA MET A 28 2.14 -4.09 -12.61
C MET A 28 2.14 -4.84 -13.94
N PRO A 29 3.35 -5.05 -14.49
CA PRO A 29 3.55 -5.77 -15.76
C PRO A 29 2.95 -7.19 -15.74
N GLN A 30 2.35 -7.57 -16.85
CA GLN A 30 1.74 -8.91 -16.99
C GLN A 30 2.81 -10.01 -17.01
N GLU A 31 3.99 -9.70 -17.54
CA GLU A 31 5.08 -10.67 -17.58
C GLU A 31 5.46 -11.09 -16.15
N ILE A 32 5.33 -10.15 -15.21
CA ILE A 32 5.65 -10.43 -13.84
C ILE A 32 4.45 -11.14 -13.20
N THR A 33 3.30 -10.48 -13.22
CA THR A 33 2.09 -11.02 -12.61
C THR A 33 1.73 -12.42 -13.11
N ASN A 34 2.23 -12.79 -14.29
CA ASN A 34 1.94 -14.12 -14.84
C ASN A 34 2.66 -15.23 -14.10
N LYS A 35 3.75 -14.86 -13.42
CA LYS A 35 4.56 -15.83 -12.71
C LYS A 35 3.86 -16.43 -11.49
N ILE A 36 2.86 -15.70 -10.95
CA ILE A 36 2.11 -16.29 -9.87
C ILE A 36 1.50 -17.62 -10.35
N LEU A 37 1.23 -17.63 -11.67
CA LEU A 37 0.60 -18.80 -12.30
C LEU A 37 1.65 -19.80 -12.82
N LYS A 38 2.46 -19.32 -13.79
CA LYS A 38 3.37 -20.24 -14.48
C LYS A 38 4.39 -20.92 -13.55
N GLU A 39 5.25 -20.09 -12.92
CA GLU A 39 6.40 -20.63 -12.18
C GLU A 39 6.06 -21.84 -11.28
N GLU A 40 7.12 -22.59 -10.96
CA GLU A 40 7.00 -23.66 -9.97
C GLU A 40 6.58 -23.10 -8.60
N PHE A 41 6.08 -24.01 -7.74
CA PHE A 41 5.67 -23.58 -6.41
C PHE A 41 6.62 -24.12 -5.33
N SER A 42 7.78 -23.44 -5.20
CA SER A 42 8.71 -23.81 -4.14
C SER A 42 9.00 -22.63 -3.21
N ALA A 43 9.46 -22.85 -1.98
CA ALA A 43 9.71 -21.74 -1.04
C ALA A 43 10.69 -20.67 -1.59
N GLU A 44 11.57 -21.08 -2.51
CA GLU A 44 12.54 -20.16 -3.09
C GLU A 44 11.86 -19.39 -4.21
N GLU A 45 11.25 -20.11 -5.14
CA GLU A 45 10.57 -19.46 -6.25
C GLU A 45 9.46 -18.54 -5.76
N ASN A 46 8.75 -18.98 -4.72
CA ASN A 46 7.66 -18.19 -4.18
C ASN A 46 8.20 -16.88 -3.67
N PHE A 47 9.23 -16.97 -2.84
CA PHE A 47 9.86 -15.79 -2.26
C PHE A 47 10.36 -14.82 -3.33
N LEU A 48 11.11 -15.35 -4.29
CA LEU A 48 11.67 -14.54 -5.36
C LEU A 48 10.60 -13.73 -6.08
N ILE A 49 9.50 -14.40 -6.40
CA ILE A 49 8.38 -13.76 -7.09
C ILE A 49 7.77 -12.67 -6.22
N LEU A 50 7.57 -12.99 -4.94
CA LEU A 50 7.00 -12.03 -4.03
C LEU A 50 7.92 -10.80 -3.96
N THR A 51 9.23 -11.05 -3.97
CA THR A 51 10.19 -9.95 -3.95
C THR A 51 9.98 -9.12 -5.22
N GLU A 52 9.96 -9.78 -6.37
CA GLU A 52 9.76 -9.08 -7.64
C GLU A 52 8.54 -8.15 -7.62
N MET A 53 7.44 -8.65 -7.07
CA MET A 53 6.20 -7.92 -6.97
C MET A 53 6.40 -6.65 -6.13
N ALA A 54 6.96 -6.83 -4.94
CA ALA A 54 7.21 -5.71 -4.05
C ALA A 54 8.02 -4.59 -4.69
N THR A 55 9.17 -4.92 -5.27
CA THR A 55 10.01 -3.91 -5.91
C THR A 55 9.33 -3.13 -7.01
N ASN A 56 8.51 -3.79 -7.81
CA ASN A 56 7.81 -3.10 -8.88
C ASN A 56 6.71 -2.23 -8.31
N HIS A 57 6.03 -2.75 -7.30
CA HIS A 57 4.96 -2.00 -6.69
C HIS A 57 5.54 -0.72 -6.10
N VAL A 58 6.72 -0.84 -5.47
CA VAL A 58 7.37 0.32 -4.90
C VAL A 58 7.50 1.43 -5.94
N GLN A 59 7.79 1.04 -7.18
CA GLN A 59 7.93 2.02 -8.26
C GLN A 59 6.58 2.64 -8.58
N VAL A 60 5.54 1.82 -8.58
CA VAL A 60 4.20 2.29 -8.84
C VAL A 60 3.75 3.22 -7.72
N LEU A 61 4.12 2.89 -6.49
CA LEU A 61 3.77 3.72 -5.34
C LEU A 61 4.33 5.13 -5.49
N VAL A 62 5.64 5.23 -5.75
CA VAL A 62 6.29 6.51 -5.91
C VAL A 62 5.57 7.32 -6.96
N GLU A 63 5.37 6.72 -8.13
CA GLU A 63 4.68 7.44 -9.17
C GLU A 63 3.33 7.93 -8.70
N PHE A 64 2.55 7.04 -8.11
CA PHE A 64 1.25 7.41 -7.61
C PHE A 64 1.38 8.53 -6.60
N THR A 65 2.14 8.29 -5.56
CA THR A 65 2.32 9.28 -4.51
C THR A 65 2.71 10.65 -5.04
N LYS A 66 3.66 10.68 -5.98
CA LYS A 66 4.13 11.93 -6.57
C LYS A 66 2.95 12.74 -7.12
N LYS A 67 2.08 12.03 -7.83
CA LYS A 67 0.89 12.63 -8.44
C LYS A 67 -0.11 13.08 -7.40
N LEU A 68 0.16 12.80 -6.13
CA LEU A 68 -0.78 13.24 -5.13
C LEU A 68 -0.60 14.75 -4.99
N PRO A 69 -1.73 15.49 -5.01
CA PRO A 69 -1.82 16.94 -4.89
C PRO A 69 -1.09 17.55 -3.69
N GLY A 70 -0.01 18.30 -3.98
CA GLY A 70 0.72 18.95 -2.91
C GLY A 70 1.90 18.19 -2.38
N PHE A 71 1.97 16.91 -2.73
CA PHE A 71 3.05 16.07 -2.27
C PHE A 71 4.40 16.68 -2.55
N GLN A 72 4.57 17.13 -3.78
CA GLN A 72 5.84 17.69 -4.24
C GLN A 72 6.25 19.02 -3.64
N THR A 73 5.32 19.72 -2.99
CA THR A 73 5.64 21.01 -2.38
C THR A 73 6.26 20.73 -1.02
N LEU A 74 6.16 19.48 -0.59
CA LEU A 74 6.68 19.07 0.70
C LEU A 74 8.20 18.97 0.77
N ASP A 75 8.70 19.06 1.99
CA ASP A 75 10.12 18.95 2.22
C ASP A 75 10.60 17.58 1.74
N HIS A 76 11.63 17.59 0.89
CA HIS A 76 12.15 16.35 0.33
C HIS A 76 12.50 15.30 1.38
N GLU A 77 12.88 15.75 2.57
CA GLU A 77 13.21 14.82 3.64
C GLU A 77 11.92 14.21 4.16
N ASP A 78 10.83 14.95 3.99
CA ASP A 78 9.51 14.50 4.45
C ASP A 78 8.85 13.56 3.44
N GLN A 79 9.26 13.68 2.20
CA GLN A 79 8.71 12.82 1.16
C GLN A 79 9.28 11.42 1.37
N ILE A 80 10.58 11.34 1.66
CA ILE A 80 11.22 10.04 1.90
C ILE A 80 10.58 9.38 3.12
N ALA A 81 10.37 10.16 4.17
CA ALA A 81 9.80 9.64 5.40
C ALA A 81 8.41 9.10 5.18
N LEU A 82 7.64 9.78 4.34
CA LEU A 82 6.29 9.33 4.06
C LEU A 82 6.34 8.06 3.24
N LEU A 83 7.18 8.07 2.19
CA LEU A 83 7.36 6.89 1.33
C LEU A 83 7.84 5.68 2.13
N LYS A 84 8.90 5.86 2.90
CA LYS A 84 9.42 4.76 3.69
C LYS A 84 8.43 4.32 4.77
N GLY A 85 7.51 5.20 5.15
CA GLY A 85 6.54 4.87 6.18
C GLY A 85 5.27 4.20 5.74
N SER A 86 4.79 4.52 4.54
CA SER A 86 3.56 3.92 4.08
C SER A 86 3.73 2.75 3.12
N ALA A 87 4.94 2.55 2.58
CA ALA A 87 5.19 1.47 1.63
C ALA A 87 4.50 0.15 1.95
N VAL A 88 4.84 -0.44 3.11
CA VAL A 88 4.26 -1.70 3.54
C VAL A 88 2.75 -1.65 3.67
N GLU A 89 2.25 -0.58 4.28
CA GLU A 89 0.81 -0.43 4.46
C GLU A 89 0.10 -0.33 3.13
N ALA A 90 0.71 0.36 2.18
CA ALA A 90 0.13 0.48 0.86
C ALA A 90 0.08 -0.91 0.23
N MET A 91 1.17 -1.67 0.36
CA MET A 91 1.22 -3.00 -0.20
C MET A 91 0.12 -3.91 0.33
N PHE A 92 -0.12 -3.84 1.64
CA PHE A 92 -1.17 -4.63 2.27
C PHE A 92 -2.52 -4.32 1.63
N LEU A 93 -2.75 -3.03 1.36
CA LEU A 93 -4.00 -2.65 0.75
C LEU A 93 -4.12 -3.18 -0.67
N ARG A 94 -3.08 -2.99 -1.46
CA ARG A 94 -3.10 -3.46 -2.83
C ARG A 94 -3.32 -4.95 -2.87
N SER A 95 -2.61 -5.67 -2.01
CA SER A 95 -2.76 -7.13 -1.94
C SER A 95 -4.16 -7.51 -1.42
N ALA A 96 -4.69 -6.73 -0.48
CA ALA A 96 -6.02 -6.98 0.07
C ALA A 96 -6.98 -6.85 -1.11
N GLU A 97 -6.92 -5.71 -1.77
CA GLU A 97 -7.75 -5.48 -2.95
C GLU A 97 -7.69 -6.68 -3.89
N ILE A 98 -6.45 -7.14 -4.14
CA ILE A 98 -6.29 -8.26 -5.06
C ILE A 98 -7.12 -9.46 -4.61
N PHE A 99 -6.89 -9.86 -3.34
CA PHE A 99 -7.62 -11.01 -2.80
C PHE A 99 -9.12 -10.73 -2.77
N ASN A 100 -9.47 -9.46 -2.43
CA ASN A 100 -10.87 -9.13 -2.25
C ASN A 100 -11.63 -9.03 -3.58
N LYS A 101 -11.04 -8.27 -4.53
CA LYS A 101 -11.70 -8.13 -5.82
C LYS A 101 -11.45 -9.36 -6.70
N LYS A 102 -10.67 -10.30 -6.15
CA LYS A 102 -10.31 -11.47 -6.93
C LYS A 102 -9.83 -11.06 -8.32
N LEU A 103 -9.03 -9.98 -8.35
CA LEU A 103 -8.51 -9.51 -9.61
C LEU A 103 -7.85 -10.63 -10.41
N PRO A 104 -8.17 -10.70 -11.71
CA PRO A 104 -7.70 -11.71 -12.67
C PRO A 104 -6.18 -11.78 -12.78
N SER A 105 -5.53 -10.61 -12.81
CA SER A 105 -4.09 -10.49 -12.88
C SER A 105 -3.49 -10.73 -11.48
N GLY A 106 -4.29 -11.32 -10.59
CA GLY A 106 -3.86 -11.59 -9.23
C GLY A 106 -3.70 -13.07 -8.92
N HIS A 107 -4.45 -13.94 -9.59
CA HIS A 107 -4.30 -15.37 -9.34
C HIS A 107 -4.35 -15.55 -7.82
N SER A 108 -5.31 -14.87 -7.21
CA SER A 108 -5.48 -14.88 -5.77
C SER A 108 -5.09 -16.20 -5.12
N ASP A 109 -5.79 -17.26 -5.48
CA ASP A 109 -5.51 -18.55 -4.88
C ASP A 109 -4.06 -18.93 -4.94
N LEU A 110 -3.50 -18.84 -6.14
CA LEU A 110 -2.10 -19.17 -6.36
C LEU A 110 -1.22 -18.19 -5.61
N LEU A 111 -1.54 -16.91 -5.68
CA LEU A 111 -0.77 -15.90 -4.97
C LEU A 111 -0.83 -16.14 -3.45
N GLU A 112 -1.96 -16.62 -2.94
CA GLU A 112 -2.04 -16.91 -1.51
C GLU A 112 -1.16 -18.12 -1.24
N GLU A 113 -1.01 -18.99 -2.23
CA GLU A 113 -0.16 -20.18 -2.10
C GLU A 113 1.28 -19.79 -1.82
N ARG A 114 1.79 -18.93 -2.70
CA ARG A 114 3.15 -18.44 -2.62
C ARG A 114 3.41 -17.63 -1.35
N ILE A 115 2.40 -16.90 -0.89
CA ILE A 115 2.56 -16.12 0.34
C ILE A 115 2.62 -17.09 1.52
N ARG A 116 1.71 -18.05 1.54
CA ARG A 116 1.62 -19.06 2.60
C ARG A 116 2.90 -19.87 2.71
N ASN A 117 3.71 -19.89 1.65
CA ASN A 117 4.94 -20.64 1.70
C ASN A 117 6.09 -19.85 1.14
N SER A 118 6.58 -18.87 1.89
CA SER A 118 7.69 -18.06 1.40
C SER A 118 8.67 -17.79 2.52
N GLY A 119 8.48 -18.50 3.63
CA GLY A 119 9.35 -18.33 4.76
C GLY A 119 8.72 -17.36 5.74
N ILE A 120 7.44 -17.09 5.59
CA ILE A 120 6.77 -16.18 6.50
C ILE A 120 6.30 -16.92 7.75
N SER A 121 6.64 -16.39 8.92
CA SER A 121 6.27 -17.01 10.18
C SER A 121 4.75 -17.11 10.31
N ASP A 122 4.28 -18.18 10.94
CA ASP A 122 2.85 -18.38 11.12
C ASP A 122 2.24 -17.24 11.92
N GLU A 123 2.98 -16.76 12.91
CA GLU A 123 2.52 -15.65 13.74
C GLU A 123 2.09 -14.47 12.86
N TYR A 124 2.68 -14.39 11.67
CA TYR A 124 2.42 -13.30 10.74
C TYR A 124 1.41 -13.59 9.65
N ILE A 125 1.38 -14.84 9.19
CA ILE A 125 0.47 -15.26 8.14
C ILE A 125 -0.97 -15.17 8.57
N THR A 126 -1.25 -15.63 9.77
CA THR A 126 -2.60 -15.63 10.30
C THR A 126 -3.23 -14.23 10.32
N PRO A 127 -2.61 -13.30 11.06
CA PRO A 127 -3.11 -11.92 11.16
C PRO A 127 -3.20 -11.33 9.76
N MET A 128 -2.21 -11.66 8.95
CA MET A 128 -2.16 -11.20 7.59
C MET A 128 -3.47 -11.54 6.87
N PHE A 129 -3.87 -12.79 6.91
CA PHE A 129 -5.09 -13.18 6.22
C PHE A 129 -6.38 -12.81 6.91
N SER A 130 -6.34 -12.74 8.23
CA SER A 130 -7.51 -12.33 9.01
C SER A 130 -7.83 -10.88 8.57
N PHE A 131 -6.77 -10.10 8.38
CA PHE A 131 -6.93 -8.74 7.93
C PHE A 131 -7.61 -8.83 6.58
N TYR A 132 -7.10 -9.72 5.73
CA TYR A 132 -7.65 -9.89 4.38
C TYR A 132 -9.13 -10.28 4.34
N LYS A 133 -9.54 -11.14 5.25
CA LYS A 133 -10.90 -11.62 5.32
C LYS A 133 -11.86 -10.56 5.83
N SER A 134 -11.50 -9.92 6.94
CA SER A 134 -12.36 -8.89 7.54
C SER A 134 -12.54 -7.69 6.62
N ILE A 135 -11.45 -7.22 6.02
CA ILE A 135 -11.53 -6.07 5.14
C ILE A 135 -12.28 -6.40 3.87
N GLY A 136 -12.12 -7.62 3.38
CA GLY A 136 -12.82 -8.01 2.17
C GLY A 136 -14.31 -7.80 2.39
N GLU A 137 -14.74 -8.18 3.58
CA GLU A 137 -16.13 -8.09 4.01
C GLU A 137 -16.59 -6.65 4.20
N LEU A 138 -15.93 -5.70 3.57
CA LEU A 138 -16.33 -4.31 3.68
C LEU A 138 -16.88 -3.91 2.34
N LYS A 139 -16.68 -4.77 1.35
CA LYS A 139 -17.15 -4.53 -0.01
C LYS A 139 -16.77 -3.10 -0.42
N MET A 140 -15.48 -2.82 -0.37
CA MET A 140 -14.96 -1.50 -0.71
C MET A 140 -15.01 -1.24 -2.19
N THR A 141 -15.21 0.01 -2.55
CA THR A 141 -15.25 0.41 -3.94
C THR A 141 -13.82 0.83 -4.25
N GLN A 142 -13.40 0.66 -5.50
CA GLN A 142 -12.04 0.99 -5.89
C GLN A 142 -11.64 2.38 -5.37
N GLU A 143 -12.64 3.25 -5.23
CA GLU A 143 -12.41 4.61 -4.76
C GLU A 143 -12.05 4.61 -3.29
N GLU A 144 -12.65 3.68 -2.54
CA GLU A 144 -12.37 3.58 -1.13
C GLU A 144 -10.94 3.11 -0.97
N TYR A 145 -10.56 2.07 -1.72
CA TYR A 145 -9.19 1.57 -1.64
C TYR A 145 -8.23 2.71 -2.01
N ALA A 146 -8.52 3.36 -3.13
CA ALA A 146 -7.69 4.46 -3.58
C ALA A 146 -7.49 5.55 -2.53
N LEU A 147 -8.60 5.99 -1.93
CA LEU A 147 -8.53 7.05 -0.91
C LEU A 147 -7.82 6.61 0.37
N LEU A 148 -8.08 5.39 0.81
CA LEU A 148 -7.41 4.90 1.99
C LEU A 148 -5.91 4.83 1.73
N THR A 149 -5.55 4.54 0.48
CA THR A 149 -4.14 4.46 0.11
C THR A 149 -3.49 5.84 0.24
N ALA A 150 -3.99 6.78 -0.55
CA ALA A 150 -3.48 8.13 -0.53
C ALA A 150 -3.45 8.61 0.92
N ILE A 151 -4.53 8.30 1.65
CA ILE A 151 -4.63 8.66 3.06
C ILE A 151 -3.55 7.95 3.89
N VAL A 152 -3.25 6.69 3.54
CA VAL A 152 -2.24 5.96 4.27
C VAL A 152 -0.89 6.62 4.03
N ILE A 153 -0.64 6.98 2.77
CA ILE A 153 0.60 7.60 2.35
C ILE A 153 0.85 8.95 3.02
N LEU A 154 -0.19 9.79 3.05
CA LEU A 154 -0.09 11.12 3.65
C LEU A 154 -0.34 11.22 5.14
N SER A 155 0.11 10.21 5.89
CA SER A 155 -0.06 10.21 7.34
C SER A 155 1.01 11.07 8.01
N PRO A 156 0.60 12.15 8.69
CA PRO A 156 1.46 13.12 9.39
C PRO A 156 2.22 12.50 10.52
N ASP A 157 1.53 11.64 11.25
CA ASP A 157 2.12 10.99 12.40
C ASP A 157 3.11 9.89 12.05
N ARG A 158 3.88 10.09 10.99
CA ARG A 158 4.87 9.09 10.61
C ARG A 158 6.16 9.44 11.35
N GLN A 159 6.95 8.44 11.69
CA GLN A 159 8.19 8.71 12.38
C GLN A 159 9.11 9.55 11.50
N TYR A 160 10.07 10.22 12.13
CA TYR A 160 11.06 11.04 11.44
C TYR A 160 10.47 12.07 10.49
N ILE A 161 9.35 12.64 10.87
CA ILE A 161 8.76 13.66 10.02
C ILE A 161 8.97 15.02 10.66
N LYS A 162 9.42 15.97 9.85
CA LYS A 162 9.66 17.32 10.34
C LYS A 162 8.36 18.13 10.40
N ASP A 163 7.82 18.49 9.23
CA ASP A 163 6.58 19.30 9.14
C ASP A 163 5.30 18.47 9.11
N ARG A 164 4.96 17.88 10.27
CA ARG A 164 3.78 17.04 10.35
C ARG A 164 2.50 17.82 10.10
N GLU A 165 2.55 19.14 10.32
CA GLU A 165 1.39 19.99 10.09
C GLU A 165 1.13 20.07 8.58
N ALA A 166 2.22 20.18 7.83
CA ALA A 166 2.15 20.26 6.37
C ALA A 166 1.49 19.01 5.79
N VAL A 167 1.72 17.86 6.42
CA VAL A 167 1.13 16.61 5.93
C VAL A 167 -0.38 16.59 6.20
N GLU A 168 -0.76 16.95 7.42
CA GLU A 168 -2.17 16.99 7.81
C GLU A 168 -2.96 17.79 6.78
N LYS A 169 -2.40 18.94 6.41
CA LYS A 169 -3.04 19.84 5.46
C LYS A 169 -3.34 19.14 4.14
N LEU A 170 -2.55 18.11 3.84
CA LEU A 170 -2.72 17.37 2.59
C LEU A 170 -3.69 16.19 2.76
N GLN A 171 -3.70 15.65 3.97
CA GLN A 171 -4.54 14.50 4.29
C GLN A 171 -5.99 14.85 4.57
N GLU A 172 -6.22 15.95 5.28
CA GLU A 172 -7.57 16.38 5.62
C GLU A 172 -8.54 16.34 4.42
N PRO A 173 -8.19 17.01 3.31
CA PRO A 173 -9.03 17.10 2.11
C PRO A 173 -9.53 15.73 1.58
N LEU A 174 -8.68 14.71 1.67
CA LEU A 174 -9.02 13.36 1.22
C LEU A 174 -9.98 12.67 2.17
N LEU A 175 -9.66 12.75 3.46
CA LEU A 175 -10.49 12.15 4.47
C LEU A 175 -11.94 12.56 4.24
N ASP A 176 -12.17 13.87 4.10
CA ASP A 176 -13.51 14.43 3.88
C ASP A 176 -14.16 13.89 2.61
N VAL A 177 -13.38 13.85 1.53
CA VAL A 177 -13.90 13.33 0.27
C VAL A 177 -14.39 11.93 0.54
N LEU A 178 -13.58 11.16 1.28
CA LEU A 178 -13.92 9.79 1.62
C LEU A 178 -15.20 9.81 2.46
N GLN A 179 -15.24 10.68 3.46
CA GLN A 179 -16.42 10.75 4.31
C GLN A 179 -17.64 11.16 3.50
N LYS A 180 -17.51 12.24 2.74
CA LYS A 180 -18.61 12.71 1.92
C LYS A 180 -19.24 11.53 1.18
N LEU A 181 -18.39 10.71 0.58
CA LEU A 181 -18.84 9.53 -0.17
C LEU A 181 -19.55 8.53 0.74
N CYS A 182 -19.00 8.34 1.93
CA CYS A 182 -19.60 7.41 2.86
C CYS A 182 -21.03 7.84 3.15
N LYS A 183 -21.23 9.14 3.39
CA LYS A 183 -22.56 9.65 3.68
C LYS A 183 -23.50 9.49 2.50
N ILE A 184 -22.95 9.58 1.29
CA ILE A 184 -23.74 9.46 0.08
C ILE A 184 -24.15 8.02 -0.25
N HIS A 185 -23.15 7.21 -0.59
CA HIS A 185 -23.37 5.82 -0.98
C HIS A 185 -23.61 4.85 0.17
N GLN A 186 -23.65 5.36 1.38
CA GLN A 186 -23.87 4.51 2.55
C GLN A 186 -24.66 5.23 3.62
N PRO A 187 -25.80 5.83 3.24
CA PRO A 187 -26.68 6.54 4.16
C PRO A 187 -27.29 5.61 5.22
N GLU A 188 -27.53 4.36 4.82
CA GLU A 188 -28.13 3.37 5.71
C GLU A 188 -27.22 3.17 6.92
N ASN A 189 -25.96 2.78 6.66
CA ASN A 189 -24.98 2.57 7.73
C ASN A 189 -24.01 3.74 7.94
N PRO A 190 -24.21 4.50 9.02
CA PRO A 190 -23.40 5.67 9.39
C PRO A 190 -21.96 5.36 9.85
N GLN A 191 -21.74 4.19 10.46
CA GLN A 191 -20.42 3.80 10.96
C GLN A 191 -19.42 3.31 9.92
N HIS A 192 -19.81 3.28 8.64
CA HIS A 192 -18.95 2.80 7.55
C HIS A 192 -17.60 3.53 7.54
N PHE A 193 -17.65 4.85 7.46
CA PHE A 193 -16.46 5.68 7.44
C PHE A 193 -15.51 5.32 8.59
N ALA A 194 -16.05 5.25 9.81
CA ALA A 194 -15.21 4.93 10.97
C ALA A 194 -14.62 3.52 10.85
N CYS A 195 -15.34 2.64 10.16
CA CYS A 195 -14.89 1.26 9.92
C CYS A 195 -13.73 1.31 8.95
N LEU A 196 -13.85 2.19 7.96
CA LEU A 196 -12.79 2.34 7.00
C LEU A 196 -11.53 2.81 7.73
N LEU A 197 -11.65 3.86 8.53
CA LEU A 197 -10.50 4.39 9.26
C LEU A 197 -9.85 3.36 10.19
N GLY A 198 -10.66 2.41 10.64
CA GLY A 198 -10.16 1.39 11.54
C GLY A 198 -8.99 0.64 10.93
N ARG A 199 -9.11 0.36 9.64
CA ARG A 199 -8.09 -0.33 8.88
C ARG A 199 -6.76 0.38 9.04
N LEU A 200 -6.82 1.70 8.99
CA LEU A 200 -5.62 2.51 9.11
C LEU A 200 -4.80 2.06 10.32
N THR A 201 -5.50 1.75 11.40
CA THR A 201 -4.86 1.32 12.62
C THR A 201 -4.39 -0.13 12.40
N GLU A 202 -5.27 -0.99 11.91
CA GLU A 202 -4.91 -2.39 11.66
C GLU A 202 -3.63 -2.46 10.84
N LEU A 203 -3.54 -1.64 9.81
CA LEU A 203 -2.36 -1.59 8.96
C LEU A 203 -1.11 -1.27 9.77
N ARG A 204 -1.18 -0.20 10.55
CA ARG A 204 -0.06 0.17 11.40
C ARG A 204 0.51 -1.06 12.10
N THR A 205 -0.37 -1.82 12.75
CA THR A 205 0.05 -3.00 13.48
C THR A 205 1.04 -3.83 12.69
N PHE A 206 0.75 -4.02 11.41
CA PHE A 206 1.59 -4.84 10.57
C PHE A 206 3.02 -4.35 10.36
N ASN A 207 3.31 -3.07 10.56
CA ASN A 207 4.69 -2.64 10.37
C ASN A 207 5.62 -3.33 11.37
N HIS A 208 5.15 -3.47 12.61
CA HIS A 208 5.96 -4.12 13.63
C HIS A 208 6.32 -5.51 13.10
N HIS A 209 5.28 -6.25 12.74
CA HIS A 209 5.44 -7.61 12.22
C HIS A 209 6.39 -7.68 11.02
N HIS A 210 6.21 -6.73 10.07
CA HIS A 210 7.00 -6.78 8.85
C HIS A 210 8.49 -6.64 9.12
N ALA A 211 8.82 -5.68 10.00
CA ALA A 211 10.23 -5.47 10.33
C ALA A 211 10.86 -6.76 10.87
N GLU A 212 10.02 -7.52 11.61
CA GLU A 212 10.47 -8.82 12.10
C GLU A 212 10.88 -9.75 10.95
N MET A 213 9.92 -9.94 10.04
CA MET A 213 10.13 -10.89 8.94
C MET A 213 11.35 -10.53 8.10
N LEU A 214 11.59 -9.21 7.95
CA LEU A 214 12.75 -8.79 7.18
C LEU A 214 14.03 -9.29 7.83
N MET A 215 14.06 -9.14 9.17
CA MET A 215 15.20 -9.64 9.93
C MET A 215 15.35 -11.14 9.78
N SER A 216 14.21 -11.85 9.89
CA SER A 216 14.24 -13.30 9.75
C SER A 216 14.84 -13.70 8.41
N TRP A 217 14.20 -13.26 7.33
CA TRP A 217 14.69 -13.56 6.00
C TRP A 217 16.15 -13.20 5.84
N ARG A 218 16.52 -12.02 6.34
CA ARG A 218 17.86 -11.46 6.21
C ARG A 218 18.91 -12.42 6.77
N VAL A 219 18.69 -12.85 8.03
CA VAL A 219 19.64 -13.75 8.65
C VAL A 219 19.72 -15.08 7.90
N ASN A 220 18.68 -15.35 7.10
CA ASN A 220 18.68 -16.56 6.29
C ASN A 220 19.18 -16.26 4.87
N ASP A 221 20.10 -15.29 4.79
CA ASP A 221 20.67 -14.94 3.49
C ASP A 221 19.61 -14.89 2.39
N HIS A 222 18.50 -14.18 2.68
CA HIS A 222 17.45 -14.04 1.68
C HIS A 222 17.70 -12.83 0.78
N LYS A 223 17.45 -13.04 -0.53
CA LYS A 223 17.79 -11.99 -1.49
C LYS A 223 16.69 -10.93 -1.62
N PHE A 224 17.07 -9.70 -1.25
CA PHE A 224 16.18 -8.56 -1.49
C PHE A 224 16.72 -7.72 -2.65
N THR A 225 16.10 -6.54 -2.84
CA THR A 225 16.59 -5.66 -3.90
C THR A 225 17.04 -4.32 -3.33
N PRO A 226 17.90 -3.64 -4.11
CA PRO A 226 18.47 -2.36 -3.70
C PRO A 226 17.39 -1.36 -3.35
N LEU A 227 16.26 -1.48 -4.07
CA LEU A 227 15.13 -0.60 -3.81
C LEU A 227 14.46 -0.93 -2.47
N LEU A 228 14.02 -2.19 -2.35
CA LEU A 228 13.37 -2.62 -1.12
C LEU A 228 14.24 -2.38 0.11
N CYS A 229 15.55 -2.64 -0.06
CA CYS A 229 16.47 -2.46 1.07
C CYS A 229 16.52 -1.01 1.54
N GLU A 230 16.43 -0.12 0.56
CA GLU A 230 16.43 1.31 0.82
C GLU A 230 15.16 1.74 1.56
N ILE A 231 14.02 1.55 0.92
CA ILE A 231 12.74 1.91 1.50
C ILE A 231 12.53 1.30 2.90
N TRP A 232 13.04 0.09 3.14
CA TRP A 232 12.84 -0.56 4.43
C TRP A 232 14.06 -0.63 5.33
N ASP A 233 15.04 0.21 5.03
CA ASP A 233 16.24 0.28 5.84
C ASP A 233 16.84 -1.07 6.22
N VAL A 234 17.42 -1.76 5.25
CA VAL A 234 18.06 -3.01 5.57
C VAL A 234 19.50 -2.93 5.11
N GLN A 235 20.43 -3.05 6.06
CA GLN A 235 21.85 -2.97 5.76
C GLN A 235 22.18 -3.91 4.61
N ASP B 5 22.44 9.53 1.09
CA ASP B 5 21.42 8.52 1.51
C ASP B 5 20.18 8.56 0.59
N HIS B 6 19.56 7.40 0.40
CA HIS B 6 18.37 7.24 -0.43
C HIS B 6 18.50 7.66 -1.89
N GLN B 7 19.52 7.12 -2.54
CA GLN B 7 19.79 7.40 -3.95
C GLN B 7 18.63 7.03 -4.88
N LEU B 8 18.12 5.82 -4.70
CA LEU B 8 17.04 5.26 -5.52
C LEU B 8 15.69 5.94 -5.39
N LEU B 9 15.30 6.24 -4.16
CA LEU B 9 14.04 6.91 -3.90
C LEU B 9 14.10 8.30 -4.51
N ARG B 10 15.16 9.03 -4.15
CA ARG B 10 15.35 10.39 -4.67
C ARG B 10 15.26 10.32 -6.21
N TYR B 11 16.12 9.50 -6.80
CA TYR B 11 16.14 9.31 -8.26
C TYR B 11 14.77 9.14 -8.89
N LEU B 12 13.99 8.20 -8.37
CA LEU B 12 12.65 7.93 -8.89
C LEU B 12 11.79 9.16 -8.76
N LEU B 13 11.93 9.85 -7.64
CA LEU B 13 11.18 11.07 -7.38
C LEU B 13 11.55 12.21 -8.34
N ASP B 14 12.75 12.15 -8.95
CA ASP B 14 13.19 13.19 -9.88
C ASP B 14 12.97 12.81 -11.33
N LYS B 15 12.86 11.51 -11.61
CA LYS B 15 12.61 11.08 -12.97
C LYS B 15 11.27 11.72 -13.34
#